data_6M9J
# 
_entry.id   6M9J 
# 
_audit_conform.dict_name       mmcif_pdbx.dic 
_audit_conform.dict_version    5.387 
_audit_conform.dict_location   http://mmcif.pdb.org/dictionaries/ascii/mmcif_pdbx.dic 
# 
loop_
_database_2.database_id 
_database_2.database_code 
_database_2.pdbx_database_accession 
_database_2.pdbx_DOI 
PDB   6M9J         pdb_00006m9j 10.2210/pdb6m9j/pdb 
WWPDB D_1000236321 ?            ?                   
# 
loop_
_pdbx_audit_revision_history.ordinal 
_pdbx_audit_revision_history.data_content_type 
_pdbx_audit_revision_history.major_revision 
_pdbx_audit_revision_history.minor_revision 
_pdbx_audit_revision_history.revision_date 
1 'Structure model' 1 0 2019-03-27 
2 'Structure model' 1 1 2019-12-04 
3 'Structure model' 1 2 2024-03-13 
# 
_pdbx_audit_revision_details.ordinal             1 
_pdbx_audit_revision_details.revision_ordinal    1 
_pdbx_audit_revision_details.data_content_type   'Structure model' 
_pdbx_audit_revision_details.provider            repository 
_pdbx_audit_revision_details.type                'Initial release' 
_pdbx_audit_revision_details.description         ? 
_pdbx_audit_revision_details.details             ? 
# 
loop_
_pdbx_audit_revision_group.ordinal 
_pdbx_audit_revision_group.revision_ordinal 
_pdbx_audit_revision_group.data_content_type 
_pdbx_audit_revision_group.group 
1 2 'Structure model' 'Author supporting evidence' 
2 3 'Structure model' 'Data collection'            
3 3 'Structure model' 'Database references'        
# 
loop_
_pdbx_audit_revision_category.ordinal 
_pdbx_audit_revision_category.revision_ordinal 
_pdbx_audit_revision_category.data_content_type 
_pdbx_audit_revision_category.category 
1 2 'Structure model' pdbx_audit_support          
2 3 'Structure model' chem_comp_atom              
3 3 'Structure model' chem_comp_bond              
4 3 'Structure model' database_2                  
5 3 'Structure model' diffrn_radiation_wavelength 
# 
loop_
_pdbx_audit_revision_item.ordinal 
_pdbx_audit_revision_item.revision_ordinal 
_pdbx_audit_revision_item.data_content_type 
_pdbx_audit_revision_item.item 
1 2 'Structure model' '_pdbx_audit_support.funding_organization' 
2 3 'Structure model' '_database_2.pdbx_DOI'                     
3 3 'Structure model' '_database_2.pdbx_database_accession'      
4 3 'Structure model' '_diffrn_radiation_wavelength.wavelength'  
# 
_pdbx_database_status.status_code                     REL 
_pdbx_database_status.status_code_sf                  REL 
_pdbx_database_status.status_code_mr                  ? 
_pdbx_database_status.entry_id                        6M9J 
_pdbx_database_status.recvd_initial_deposition_date   2018-08-23 
_pdbx_database_status.SG_entry                        N 
_pdbx_database_status.deposit_site                    RCSB 
_pdbx_database_status.process_site                    RCSB 
_pdbx_database_status.status_code_cs                  ? 
_pdbx_database_status.methods_development_category    ? 
_pdbx_database_status.pdb_format_compatible           Y 
_pdbx_database_status.status_code_nmr_data            ? 
# 
_pdbx_database_related.db_name        PDB 
_pdbx_database_related.details        . 
_pdbx_database_related.db_id          6M7M 
_pdbx_database_related.content_type   unspecified 
# 
loop_
_audit_author.name 
_audit_author.pdbx_ordinal 
_audit_author.identifier_ORCID 
'Zee, C.'             1 ? 
'Glynn, C.'           2 ? 
'Gallagher-Jones, M.' 3 ? 
'Miao, J.'            4 ? 
'Santiago, C.G.'      5 ? 
'Cascio, D.'          6 ? 
'Gonen, T.'           7 ? 
'Sawaya, M.R.'        8 ? 
'Rodriguez, J.A.'     9 ? 
# 
_citation.abstract                  ? 
_citation.abstract_id_CAS           ? 
_citation.book_id_ISBN              ? 
_citation.book_publisher            ? 
_citation.book_publisher_city       ? 
_citation.book_title                ? 
_citation.coordinate_linkage        ? 
_citation.country                   UK 
_citation.database_id_Medline       ? 
_citation.details                   ? 
_citation.id                        primary 
_citation.journal_abbrev            IUCrJ 
_citation.journal_id_ASTM           ? 
_citation.journal_id_CSD            ? 
_citation.journal_id_ISSN           2052-2525 
_citation.journal_full              ? 
_citation.journal_issue             ? 
_citation.journal_volume            6 
_citation.language                  ? 
_citation.page_first                197 
_citation.page_last                 205 
_citation.title                     
'Homochiral and racemic MicroED structures of a peptide repeat from the ice-nucleation protein InaZ.' 
_citation.year                      2019 
_citation.database_id_CSD           ? 
_citation.pdbx_database_id_DOI      10.1107/S2052252518017621 
_citation.pdbx_database_id_PubMed   30867917 
_citation.unpublished_flag          ? 
# 
loop_
_citation_author.citation_id 
_citation_author.name 
_citation_author.ordinal 
_citation_author.identifier_ORCID 
primary 'Zee, C.T.'           1 ?                   
primary 'Glynn, C.'           2 0000-0002-2197-2357 
primary 'Gallagher-Jones, M.' 3 0000-0003-4227-917X 
primary 'Miao, J.'            4 0000-0001-5527-295X 
primary 'Santiago, C.G.'      5 0000-0001-9675-5931 
primary 'Cascio, D.'          6 ?                   
primary 'Gonen, T.'           7 0000-0003-3326-1242 
primary 'Sawaya, M.R.'        8 0000-0003-0874-9043 
primary 'Rodriguez, J.A.'     9 0000-0002-0248-4964 
# 
loop_
_entity.id 
_entity.type 
_entity.src_method 
_entity.pdbx_description 
_entity.formula_weight 
_entity.pdbx_number_of_molecules 
_entity.pdbx_ec 
_entity.pdbx_mutation 
_entity.pdbx_fragment 
_entity.details 
1 polymer syn 'Ice nucleation protein' 522.508 1 ? ? 'UNP residues 707-712' DL-GSTSTA 
2 water   nat water                    18.015  3 ? ? ?                      ?         
# 
_entity_name_com.entity_id   1 
_entity_name_com.name        inaZ 
# 
_entity_poly.entity_id                      1 
_entity_poly.type                           'polypeptide(L)' 
_entity_poly.nstd_linkage                   no 
_entity_poly.nstd_monomer                   no 
_entity_poly.pdbx_seq_one_letter_code       GSTSTA 
_entity_poly.pdbx_seq_one_letter_code_can   GSTSTA 
_entity_poly.pdbx_strand_id                 A 
_entity_poly.pdbx_target_identifier         ? 
# 
_pdbx_entity_nonpoly.entity_id   2 
_pdbx_entity_nonpoly.name        water 
_pdbx_entity_nonpoly.comp_id     HOH 
# 
loop_
_entity_poly_seq.entity_id 
_entity_poly_seq.num 
_entity_poly_seq.mon_id 
_entity_poly_seq.hetero 
1 1 GLY n 
1 2 SER n 
1 3 THR n 
1 4 SER n 
1 5 THR n 
1 6 ALA n 
# 
_pdbx_entity_src_syn.entity_id              1 
_pdbx_entity_src_syn.pdbx_src_id            1 
_pdbx_entity_src_syn.pdbx_alt_source_flag   sample 
_pdbx_entity_src_syn.pdbx_beg_seq_num       1 
_pdbx_entity_src_syn.pdbx_end_seq_num       6 
_pdbx_entity_src_syn.organism_scientific    'Pseudomonas syringae pv. syringae' 
_pdbx_entity_src_syn.organism_common_name   ? 
_pdbx_entity_src_syn.ncbi_taxonomy_id       321 
_pdbx_entity_src_syn.details                DL-GSTSTA 
# 
loop_
_chem_comp.id 
_chem_comp.type 
_chem_comp.mon_nstd_flag 
_chem_comp.name 
_chem_comp.pdbx_synonyms 
_chem_comp.formula 
_chem_comp.formula_weight 
ALA 'L-peptide linking' y ALANINE   ? 'C3 H7 N O2' 89.093  
GLY 'peptide linking'   y GLYCINE   ? 'C2 H5 N O2' 75.067  
HOH non-polymer         . WATER     ? 'H2 O'       18.015  
SER 'L-peptide linking' y SERINE    ? 'C3 H7 N O3' 105.093 
THR 'L-peptide linking' y THREONINE ? 'C4 H9 N O3' 119.119 
# 
loop_
_pdbx_poly_seq_scheme.asym_id 
_pdbx_poly_seq_scheme.entity_id 
_pdbx_poly_seq_scheme.seq_id 
_pdbx_poly_seq_scheme.mon_id 
_pdbx_poly_seq_scheme.ndb_seq_num 
_pdbx_poly_seq_scheme.pdb_seq_num 
_pdbx_poly_seq_scheme.auth_seq_num 
_pdbx_poly_seq_scheme.pdb_mon_id 
_pdbx_poly_seq_scheme.auth_mon_id 
_pdbx_poly_seq_scheme.pdb_strand_id 
_pdbx_poly_seq_scheme.pdb_ins_code 
_pdbx_poly_seq_scheme.hetero 
A 1 1 GLY 1 707 707 GLY GLY A . n 
A 1 2 SER 2 708 708 SER SER A . n 
A 1 3 THR 3 709 709 THR THR A . n 
A 1 4 SER 4 710 710 SER SER A . n 
A 1 5 THR 5 711 711 THR THR A . n 
A 1 6 ALA 6 712 712 ALA ALA A . n 
# 
loop_
_pdbx_nonpoly_scheme.asym_id 
_pdbx_nonpoly_scheme.entity_id 
_pdbx_nonpoly_scheme.mon_id 
_pdbx_nonpoly_scheme.ndb_seq_num 
_pdbx_nonpoly_scheme.pdb_seq_num 
_pdbx_nonpoly_scheme.auth_seq_num 
_pdbx_nonpoly_scheme.pdb_mon_id 
_pdbx_nonpoly_scheme.auth_mon_id 
_pdbx_nonpoly_scheme.pdb_strand_id 
_pdbx_nonpoly_scheme.pdb_ins_code 
B 2 HOH 1 801 3 HOH HOH A . 
B 2 HOH 2 802 2 HOH HOH A . 
B 2 HOH 3 803 1 HOH HOH A . 
# 
loop_
_software.citation_id 
_software.classification 
_software.compiler_name 
_software.compiler_version 
_software.contact_author 
_software.contact_author_email 
_software.date 
_software.description 
_software.dependencies 
_software.hardware 
_software.language 
_software.location 
_software.mods 
_software.name 
_software.os 
_software.os_version 
_software.type 
_software.version 
_software.pdbx_ordinal 
? 'data scaling'    ? ? 'Wolfgang Kabsch' ?                        ?              ? ? ? ?   
http://www.mpimf-heidelberg.mpg.de/~kabsch/xds/html_doc/xscale_program.html ? XSCALE      ? ? package .         1 
? refinement        ? ? 'Paul D. Adams'   PDAdams@lbl.gov          ?              ? ? ? C++ http://www.phenix-online.org/ ? PHENIX 
? ? package 1.12_2829 2 
? 'data extraction' ? ? PDB               deposit@deposit.rcsb.org 'Sep. 1, 2017' ? ? ? C++ 
http://sw-tools.pdb.org/apps/PDB_EXTRACT/                                   ? PDB_EXTRACT ? ? package 3.24      3 
? 'data reduction'  ? ? ?                 ?                        ?              ? ? ? ?   ? ? XDS         ? ? ?       .         
4 
? phasing           ? ? ?                 ?                        ?              ? ? ? ?   ? ? SHELXD      ? ? ?       .         
5 
# 
_cell.angle_alpha                  90.000 
_cell.angle_alpha_esd              ? 
_cell.angle_beta                   104.480 
_cell.angle_beta_esd               ? 
_cell.angle_gamma                  90.000 
_cell.angle_gamma_esd              ? 
_cell.entry_id                     6M9J 
_cell.details                      ? 
_cell.formula_units_Z              ? 
_cell.length_a                     14.030 
_cell.length_a_esd                 ? 
_cell.length_b                     9.220 
_cell.length_b_esd                 ? 
_cell.length_c                     20.770 
_cell.length_c_esd                 ? 
_cell.volume                       ? 
_cell.volume_esd                   ? 
_cell.Z_PDB                        4 
_cell.reciprocal_angle_alpha       ? 
_cell.reciprocal_angle_beta        ? 
_cell.reciprocal_angle_gamma       ? 
_cell.reciprocal_angle_alpha_esd   ? 
_cell.reciprocal_angle_beta_esd    ? 
_cell.reciprocal_angle_gamma_esd   ? 
_cell.reciprocal_length_a          ? 
_cell.reciprocal_length_b          ? 
_cell.reciprocal_length_c          ? 
_cell.reciprocal_length_a_esd      ? 
_cell.reciprocal_length_b_esd      ? 
_cell.reciprocal_length_c_esd      ? 
_cell.pdbx_unique_axis             ? 
# 
_symmetry.entry_id                         6M9J 
_symmetry.cell_setting                     ? 
_symmetry.Int_Tables_number                14 
_symmetry.space_group_name_Hall            ? 
_symmetry.space_group_name_H-M             'P 1 21/c 1' 
_symmetry.pdbx_full_space_group_name_H-M   ? 
# 
_exptl.absorpt_coefficient_mu     ? 
_exptl.absorpt_correction_T_max   ? 
_exptl.absorpt_correction_T_min   ? 
_exptl.absorpt_correction_type    ? 
_exptl.absorpt_process_details    ? 
_exptl.entry_id                   6M9J 
_exptl.crystals_number            ? 
_exptl.details                    ? 
_exptl.method                     'ELECTRON CRYSTALLOGRAPHY' 
_exptl.method_details             ? 
# 
_exptl_crystal.colour                      ? 
_exptl_crystal.density_diffrn              ? 
_exptl_crystal.density_Matthews            ? 
_exptl_crystal.density_method              ? 
_exptl_crystal.density_percent_sol         ? 
_exptl_crystal.description                 ? 
_exptl_crystal.F_000                       ? 
_exptl_crystal.id                          1 
_exptl_crystal.preparation                 ? 
_exptl_crystal.size_max                    ? 
_exptl_crystal.size_mid                    ? 
_exptl_crystal.size_min                    ? 
_exptl_crystal.size_rad                    ? 
_exptl_crystal.colour_lustre               ? 
_exptl_crystal.colour_modifier             ? 
_exptl_crystal.colour_primary              ? 
_exptl_crystal.density_meas                ? 
_exptl_crystal.density_meas_esd            ? 
_exptl_crystal.density_meas_gt             ? 
_exptl_crystal.density_meas_lt             ? 
_exptl_crystal.density_meas_temp           ? 
_exptl_crystal.density_meas_temp_esd       ? 
_exptl_crystal.density_meas_temp_gt        ? 
_exptl_crystal.density_meas_temp_lt        ? 
_exptl_crystal.pdbx_crystal_image_url      ? 
_exptl_crystal.pdbx_crystal_image_format   ? 
_exptl_crystal.pdbx_mosaicity              ? 
_exptl_crystal.pdbx_mosaicity_esd          ? 
# 
_diffrn.ambient_environment              ? 
_diffrn.ambient_temp                     ? 
_diffrn.ambient_temp_details             ? 
_diffrn.ambient_temp_esd                 ? 
_diffrn.crystal_id                       1 
_diffrn.crystal_support                  ? 
_diffrn.crystal_treatment                ? 
_diffrn.details                          ? 
_diffrn.id                               1 
_diffrn.ambient_pressure                 ? 
_diffrn.ambient_pressure_esd             ? 
_diffrn.ambient_pressure_gt              ? 
_diffrn.ambient_pressure_lt              ? 
_diffrn.ambient_temp_gt                  ? 
_diffrn.ambient_temp_lt                  ? 
_diffrn.pdbx_serial_crystal_experiment   ? 
# 
_diffrn_detector.area_resol_mean              ? 
_diffrn_detector.details                      ? 
_diffrn_detector.detector                     ? 
_diffrn_detector.diffrn_id                    1 
_diffrn_detector.dtime                        ? 
_diffrn_detector.pdbx_collection_date         2017-11-27 
_diffrn_detector.pdbx_collection_time_total   ? 
_diffrn_detector.pdbx_frames_total            ? 
_diffrn_detector.pdbx_frequency               ? 
_diffrn_detector.type                         ? 
# 
_diffrn_radiation.collimation                      ? 
_diffrn_radiation.diffrn_id                        1 
_diffrn_radiation.filter_edge                      ? 
_diffrn_radiation.inhomogeneity                    ? 
_diffrn_radiation.monochromator                    ? 
_diffrn_radiation.polarisn_norm                    ? 
_diffrn_radiation.polarisn_ratio                   ? 
_diffrn_radiation.probe                            ? 
_diffrn_radiation.type                             ? 
_diffrn_radiation.xray_symbol                      ? 
_diffrn_radiation.wavelength_id                    1 
_diffrn_radiation.pdbx_monochromatic_or_laue_m_l   ? 
_diffrn_radiation.pdbx_wavelength_list             ? 
_diffrn_radiation.pdbx_wavelength                  ? 
_diffrn_radiation.pdbx_diffrn_protocol             ? 
_diffrn_radiation.pdbx_analyzer                    ? 
_diffrn_radiation.pdbx_scattering_type             electron 
# 
_diffrn_radiation_wavelength.id           1 
_diffrn_radiation_wavelength.wavelength   . 
_diffrn_radiation_wavelength.wt           1.0 
# 
_reflns.B_iso_Wilson_estimate            46.140 
_reflns.entry_id                         6M9J 
_reflns.data_reduction_details           ? 
_reflns.data_reduction_method            ? 
_reflns.d_resolution_high                0.900 
_reflns.d_resolution_low                 7.629 
_reflns.details                          ? 
_reflns.limit_h_max                      ? 
_reflns.limit_h_min                      ? 
_reflns.limit_k_max                      ? 
_reflns.limit_k_min                      ? 
_reflns.limit_l_max                      ? 
_reflns.limit_l_min                      ? 
_reflns.number_all                       ? 
_reflns.number_obs                       2906 
_reflns.observed_criterion               ? 
_reflns.observed_criterion_F_max         ? 
_reflns.observed_criterion_F_min         ? 
_reflns.observed_criterion_I_max         ? 
_reflns.observed_criterion_I_min         ? 
_reflns.observed_criterion_sigma_F       ? 
_reflns.observed_criterion_sigma_I       ? 
_reflns.percent_possible_obs             77.600 
_reflns.R_free_details                   ? 
_reflns.Rmerge_F_all                     ? 
_reflns.Rmerge_F_obs                     ? 
_reflns.Friedel_coverage                 ? 
_reflns.number_gt                        ? 
_reflns.threshold_expression             ? 
_reflns.pdbx_redundancy                  3.401 
_reflns.pdbx_Rmerge_I_obs                0.128 
_reflns.pdbx_Rmerge_I_all                ? 
_reflns.pdbx_Rsym_value                  ? 
_reflns.pdbx_netI_over_av_sigmaI         ? 
_reflns.pdbx_netI_over_sigmaI            5.460 
_reflns.pdbx_res_netI_over_av_sigmaI_2   ? 
_reflns.pdbx_res_netI_over_sigmaI_2      ? 
_reflns.pdbx_chi_squared                 0.833 
_reflns.pdbx_scaling_rejects             27 
_reflns.pdbx_d_res_high_opt              ? 
_reflns.pdbx_d_res_low_opt               ? 
_reflns.pdbx_d_res_opt_method            ? 
_reflns.phase_calculation_details        ? 
_reflns.pdbx_Rrim_I_all                  0.151 
_reflns.pdbx_Rpim_I_all                  ? 
_reflns.pdbx_d_opt                       ? 
_reflns.pdbx_number_measured_all         9884 
_reflns.pdbx_diffrn_id                   1 
_reflns.pdbx_ordinal                     1 
_reflns.pdbx_CC_half                     0.991 
_reflns.pdbx_R_split                     ? 
# 
loop_
_reflns_shell.d_res_high 
_reflns_shell.d_res_low 
_reflns_shell.meanI_over_sigI_all 
_reflns_shell.meanI_over_sigI_obs 
_reflns_shell.number_measured_all 
_reflns_shell.number_measured_obs 
_reflns_shell.number_possible 
_reflns_shell.number_unique_all 
_reflns_shell.number_unique_obs 
_reflns_shell.percent_possible_all 
_reflns_shell.percent_possible_obs 
_reflns_shell.Rmerge_F_all 
_reflns_shell.Rmerge_F_obs 
_reflns_shell.Rmerge_I_all 
_reflns_shell.Rmerge_I_obs 
_reflns_shell.meanI_over_sigI_gt 
_reflns_shell.meanI_over_uI_all 
_reflns_shell.meanI_over_uI_gt 
_reflns_shell.number_measured_gt 
_reflns_shell.number_unique_gt 
_reflns_shell.percent_possible_gt 
_reflns_shell.Rmerge_F_gt 
_reflns_shell.Rmerge_I_gt 
_reflns_shell.pdbx_redundancy 
_reflns_shell.pdbx_Rsym_value 
_reflns_shell.pdbx_chi_squared 
_reflns_shell.pdbx_netI_over_sigmaI_all 
_reflns_shell.pdbx_netI_over_sigmaI_obs 
_reflns_shell.pdbx_Rrim_I_all 
_reflns_shell.pdbx_Rpim_I_all 
_reflns_shell.pdbx_rejects 
_reflns_shell.pdbx_ordinal 
_reflns_shell.pdbx_diffrn_id 
_reflns_shell.pdbx_CC_half 
_reflns_shell.pdbx_R_split 
0.900 0.920 ? 2.520  ? 728 288 ? 230 79.900 ? ? ? ? 0.332 ? ? ? ? ? ? ? ? 3.165 ? ? ? ? 0.387 ? ? 1  1 0.962 ? 
0.920 0.950 ? 2.560  ? 652 260 ? 196 75.400 ? ? ? ? 0.396 ? ? ? ? ? ? ? ? 3.327 ? ? ? ? 0.466 ? ? 2  1 0.819 ? 
0.950 0.980 ? 3.080  ? 734 259 ? 204 78.800 ? ? ? ? 0.391 ? ? ? ? ? ? ? ? 3.598 ? ? ? ? 0.455 ? ? 3  1 0.860 ? 
0.980 1.010 ? 3.330  ? 725 266 ? 205 77.100 ? ? ? ? 0.296 ? ? ? ? ? ? ? ? 3.537 ? ? ? ? 0.347 ? ? 4  1 0.962 ? 
1.010 1.040 ? 4.020  ? 716 253 ? 206 81.400 ? ? ? ? 0.231 ? ? ? ? ? ? ? ? 3.476 ? ? ? ? 0.269 ? ? 5  1 0.985 ? 
1.040 1.080 ? 4.550  ? 571 227 ? 167 73.600 ? ? ? ? 0.225 ? ? ? ? ? ? ? ? 3.419 ? ? ? ? 0.262 ? ? 6  1 0.973 ? 
1.080 1.120 ? 5.280  ? 657 235 ? 190 80.900 ? ? ? ? 0.168 ? ? ? ? ? ? ? ? 3.458 ? ? ? ? 0.198 ? ? 7  1 0.975 ? 
1.120 1.160 ? 6.060  ? 616 230 ? 174 75.700 ? ? ? ? 0.124 ? ? ? ? ? ? ? ? 3.540 ? ? ? ? 0.145 ? ? 8  1 0.992 ? 
1.160 1.210 ? 4.810  ? 536 200 ? 160 80.000 ? ? ? ? 0.181 ? ? ? ? ? ? ? ? 3.350 ? ? ? ? 0.213 ? ? 9  1 0.991 ? 
1.210 1.270 ? 5.480  ? 574 210 ? 164 78.100 ? ? ? ? 0.164 ? ? ? ? ? ? ? ? 3.500 ? ? ? ? 0.193 ? ? 10 1 0.992 ? 
1.270 1.340 ? 6.520  ? 501 184 ? 141 76.600 ? ? ? ? 0.136 ? ? ? ? ? ? ? ? 3.553 ? ? ? ? 0.159 ? ? 11 1 0.992 ? 
1.340 1.420 ? 6.170  ? 475 185 ? 143 77.300 ? ? ? ? 0.147 ? ? ? ? ? ? ? ? 3.322 ? ? ? ? 0.174 ? ? 12 1 0.987 ? 
1.420 1.520 ? 7.180  ? 502 179 ? 146 81.600 ? ? ? ? 0.135 ? ? ? ? ? ? ? ? 3.438 ? ? ? ? 0.158 ? ? 13 1 0.987 ? 
1.520 1.640 ? 7.890  ? 377 156 ? 114 73.100 ? ? ? ? 0.130 ? ? ? ? ? ? ? ? 3.307 ? ? ? ? 0.154 ? ? 14 1 0.996 ? 
1.640 1.800 ? 7.760  ? 377 147 ? 111 75.500 ? ? ? ? 0.140 ? ? ? ? ? ? ? ? 3.396 ? ? ? ? 0.166 ? ? 15 1 0.956 ? 
1.800 2.010 ? 9.150  ? 313 129 ? 98  76.000 ? ? ? ? 0.088 ? ? ? ? ? ? ? ? 3.194 ? ? ? ? 0.103 ? ? 16 1 0.996 ? 
2.010 2.320 ? 10.060 ? 332 125 ? 98  78.400 ? ? ? ? 0.080 ? ? ? ? ? ? ? ? 3.388 ? ? ? ? 0.094 ? ? 17 1 0.991 ? 
2.320 2.850 ? 9.460  ? 227 99  ? 73  73.700 ? ? ? ? 0.073 ? ? ? ? ? ? ? ? 3.110 ? ? ? ? 0.086 ? ? 18 1 0.998 ? 
2.850 4.030 ? 11.820 ? 189 72  ? 57  79.200 ? ? ? ? 0.102 ? ? ? ? ? ? ? ? 3.316 ? ? ? ? 0.121 ? ? 19 1 0.986 ? 
4.030 7.629 ? 10.130 ? 82  42  ? 29  69.000 ? ? ? ? 0.065 ? ? ? ? ? ? ? ? 2.828 ? ? ? ? 0.079 ? ? 20 1 0.994 ? 
# 
_refine.aniso_B[1][1]                            ? 
_refine.aniso_B[1][2]                            ? 
_refine.aniso_B[1][3]                            ? 
_refine.aniso_B[2][2]                            ? 
_refine.aniso_B[2][3]                            ? 
_refine.aniso_B[3][3]                            ? 
_refine.B_iso_max                                27.350 
_refine.B_iso_mean                               3.5520 
_refine.B_iso_min                                0.700 
_refine.correlation_coeff_Fo_to_Fc               ? 
_refine.correlation_coeff_Fo_to_Fc_free          ? 
_refine.details                                  ? 
_refine.diff_density_max                         ? 
_refine.diff_density_max_esd                     ? 
_refine.diff_density_min                         ? 
_refine.diff_density_min_esd                     ? 
_refine.diff_density_rms                         ? 
_refine.diff_density_rms_esd                     ? 
_refine.entry_id                                 6M9J 
_refine.pdbx_refine_id                           'ELECTRON CRYSTALLOGRAPHY' 
_refine.ls_abs_structure_details                 ? 
_refine.ls_abs_structure_Flack                   ? 
_refine.ls_abs_structure_Flack_esd               ? 
_refine.ls_abs_structure_Rogers                  ? 
_refine.ls_abs_structure_Rogers_esd              ? 
_refine.ls_d_res_high                            0.9000 
_refine.ls_d_res_low                             7.6290 
_refine.ls_extinction_coef                       ? 
_refine.ls_extinction_coef_esd                   ? 
_refine.ls_extinction_expression                 ? 
_refine.ls_extinction_method                     ? 
_refine.ls_goodness_of_fit_all                   ? 
_refine.ls_goodness_of_fit_all_esd               ? 
_refine.ls_goodness_of_fit_obs                   ? 
_refine.ls_goodness_of_fit_obs_esd               ? 
_refine.ls_hydrogen_treatment                    ? 
_refine.ls_matrix_type                           ? 
_refine.ls_number_constraints                    ? 
_refine.ls_number_parameters                     ? 
_refine.ls_number_reflns_all                     ? 
_refine.ls_number_reflns_obs                     2896 
_refine.ls_number_reflns_R_free                  290 
_refine.ls_number_reflns_R_work                  ? 
_refine.ls_number_restraints                     ? 
_refine.ls_percent_reflns_obs                    77.4300 
_refine.ls_percent_reflns_R_free                 10.0100 
_refine.ls_R_factor_all                          ? 
_refine.ls_R_factor_obs                          0.2342 
_refine.ls_R_factor_R_free                       0.2518 
_refine.ls_R_factor_R_free_error                 ? 
_refine.ls_R_factor_R_free_error_details         ? 
_refine.ls_R_factor_R_work                       0.2325 
_refine.ls_R_Fsqd_factor_obs                     ? 
_refine.ls_R_I_factor_obs                        ? 
_refine.ls_redundancy_reflns_all                 ? 
_refine.ls_redundancy_reflns_obs                 ? 
_refine.ls_restrained_S_all                      ? 
_refine.ls_restrained_S_obs                      ? 
_refine.ls_shift_over_esd_max                    ? 
_refine.ls_shift_over_esd_mean                   ? 
_refine.ls_structure_factor_coef                 ? 
_refine.ls_weighting_details                     ? 
_refine.ls_weighting_scheme                      ? 
_refine.ls_wR_factor_all                         ? 
_refine.ls_wR_factor_obs                         ? 
_refine.ls_wR_factor_R_free                      ? 
_refine.ls_wR_factor_R_work                      ? 
_refine.occupancy_max                            ? 
_refine.occupancy_min                            ? 
_refine.solvent_model_details                    ? 
_refine.solvent_model_param_bsol                 ? 
_refine.solvent_model_param_ksol                 ? 
_refine.ls_R_factor_gt                           ? 
_refine.ls_goodness_of_fit_gt                    ? 
_refine.ls_goodness_of_fit_ref                   ? 
_refine.ls_shift_over_su_max                     ? 
_refine.ls_shift_over_su_max_lt                  ? 
_refine.ls_shift_over_su_mean                    ? 
_refine.ls_shift_over_su_mean_lt                 ? 
_refine.pdbx_ls_sigma_I                          ? 
_refine.pdbx_ls_sigma_F                          1.400 
_refine.pdbx_ls_sigma_Fsqd                       ? 
_refine.pdbx_data_cutoff_high_absF               ? 
_refine.pdbx_data_cutoff_high_rms_absF           ? 
_refine.pdbx_data_cutoff_low_absF                ? 
_refine.pdbx_isotropic_thermal_model             ? 
_refine.pdbx_ls_cross_valid_method               THROUGHOUT 
_refine.pdbx_method_to_determine_struct          ? 
_refine.pdbx_starting_model                      ? 
_refine.pdbx_stereochemistry_target_values       ? 
_refine.pdbx_R_Free_selection_details            ? 
_refine.pdbx_stereochem_target_val_spec_case     ? 
_refine.pdbx_overall_ESU_R                       ? 
_refine.pdbx_overall_ESU_R_Free                  ? 
_refine.pdbx_solvent_vdw_probe_radii             1.1100 
_refine.pdbx_solvent_ion_probe_radii             ? 
_refine.pdbx_solvent_shrinkage_radii             0.9000 
_refine.pdbx_real_space_R                        ? 
_refine.pdbx_density_correlation                 ? 
_refine.pdbx_pd_number_of_powder_patterns        ? 
_refine.pdbx_pd_number_of_points                 ? 
_refine.pdbx_pd_meas_number_of_points            ? 
_refine.pdbx_pd_proc_ls_prof_R_factor            ? 
_refine.pdbx_pd_proc_ls_prof_wR_factor           ? 
_refine.pdbx_pd_Marquardt_correlation_coeff      ? 
_refine.pdbx_pd_Fsqrd_R_factor                   ? 
_refine.pdbx_pd_ls_matrix_band_width             ? 
_refine.pdbx_overall_phase_error                 13.9200 
_refine.pdbx_overall_SU_R_free_Cruickshank_DPI   ? 
_refine.pdbx_overall_SU_R_free_Blow_DPI          ? 
_refine.pdbx_overall_SU_R_Blow_DPI               ? 
_refine.pdbx_TLS_residual_ADP_flag               ? 
_refine.pdbx_diffrn_id                           1 
_refine.overall_SU_B                             ? 
_refine.overall_SU_ML                            0.0500 
_refine.overall_SU_R_Cruickshank_DPI             ? 
_refine.overall_SU_R_free                        ? 
_refine.overall_FOM_free_R_set                   ? 
_refine.overall_FOM_work_R_set                   ? 
_refine.pdbx_average_fsc_overall                 ? 
_refine.pdbx_average_fsc_work                    ? 
_refine.pdbx_average_fsc_free                    ? 
# 
_refine_hist.cycle_id                         final 
_refine_hist.pdbx_refine_id                   'ELECTRON CRYSTALLOGRAPHY' 
_refine_hist.d_res_high                       0.9000 
_refine_hist.d_res_low                        7.6290 
_refine_hist.pdbx_number_atoms_ligand         0 
_refine_hist.number_atoms_solvent             3 
_refine_hist.number_atoms_total               39 
_refine_hist.pdbx_number_residues_total       6 
_refine_hist.pdbx_B_iso_mean_solvent          20.81 
_refine_hist.pdbx_number_atoms_protein        36 
_refine_hist.pdbx_number_atoms_nucleic_acid   0 
# 
loop_
_refine_ls_restr.pdbx_refine_id 
_refine_ls_restr.criterion 
_refine_ls_restr.dev_ideal 
_refine_ls_restr.dev_ideal_target 
_refine_ls_restr.number 
_refine_ls_restr.rejects 
_refine_ls_restr.type 
_refine_ls_restr.weight 
_refine_ls_restr.pdbx_restraint_function 
'ELECTRON CRYSTALLOGRAPHY' ? 0.008 ? 35 ? f_bond_d           ? ? 
'ELECTRON CRYSTALLOGRAPHY' ? 1.119 ? 47 ? f_angle_d          ? ? 
'ELECTRON CRYSTALLOGRAPHY' ? 0.071 ? 7  ? f_chiral_restr     ? ? 
'ELECTRON CRYSTALLOGRAPHY' ? 0.004 ? 6  ? f_plane_restr      ? ? 
'ELECTRON CRYSTALLOGRAPHY' ? 7.023 ? 10 ? f_dihedral_angle_d ? ? 
# 
loop_
_refine_ls_shell.pdbx_refine_id 
_refine_ls_shell.d_res_high 
_refine_ls_shell.d_res_low 
_refine_ls_shell.number_reflns_all 
_refine_ls_shell.number_reflns_obs 
_refine_ls_shell.number_reflns_R_free 
_refine_ls_shell.number_reflns_R_work 
_refine_ls_shell.percent_reflns_obs 
_refine_ls_shell.percent_reflns_R_free 
_refine_ls_shell.R_factor_all 
_refine_ls_shell.R_factor_obs 
_refine_ls_shell.R_factor_R_free 
_refine_ls_shell.R_factor_R_free_error 
_refine_ls_shell.R_factor_R_work 
_refine_ls_shell.redundancy_reflns_all 
_refine_ls_shell.redundancy_reflns_obs 
_refine_ls_shell.wR_factor_all 
_refine_ls_shell.wR_factor_obs 
_refine_ls_shell.wR_factor_R_free 
_refine_ls_shell.wR_factor_R_work 
_refine_ls_shell.pdbx_total_number_of_bins_used 
_refine_ls_shell.pdbx_phase_error 
_refine_ls_shell.pdbx_fsc_work 
_refine_ls_shell.pdbx_fsc_free 
'ELECTRON CRYSTALLOGRAPHY' 0.9000 0.9409 377 . 38 339 78.0000 . . . 0.4214 0.0000 0.3109 . . . . . . 8 . . . 
'ELECTRON CRYSTALLOGRAPHY' 0.9409 0.9904 366 . 36 330 80.0000 . . . 0.2962 0.0000 0.2575 . . . . . . 8 . . . 
'ELECTRON CRYSTALLOGRAPHY' 0.9904 1.0524 358 . 36 322 77.0000 . . . 0.2493 0.0000 0.2423 . . . . . . 8 . . . 
'ELECTRON CRYSTALLOGRAPHY' 1.0524 1.1334 359 . 36 323 78.0000 . . . 0.2204 0.0000 0.2013 . . . . . . 8 . . . 
'ELECTRON CRYSTALLOGRAPHY' 1.1334 1.2470 356 . 36 320 77.0000 . . . 0.2590 0.0000 0.2410 . . . . . . 8 . . . 
'ELECTRON CRYSTALLOGRAPHY' 1.2470 1.4264 363 . 37 326 77.0000 . . . 0.2361 0.0000 0.2554 . . . . . . 8 . . . 
'ELECTRON CRYSTALLOGRAPHY' 1.4264 1.7933 361 . 36 325 77.0000 . . . 0.2452 0.0000 0.2450 . . . . . . 8 . . . 
'ELECTRON CRYSTALLOGRAPHY' 1.7933 7.6290 356 . 35 321 76.0000 . . . 0.2284 0.0000 0.1993 . . . . . . 8 . . . 
# 
_struct.entry_id                     6M9J 
_struct.title                        'Racemic-GSTSTA from degenerate octameric repeats in InaZ, residues 707-712' 
_struct.pdbx_model_details           ? 
_struct.pdbx_formula_weight          ? 
_struct.pdbx_formula_weight_method   ? 
_struct.pdbx_model_type_details      ? 
_struct.pdbx_CASP_flag               N 
# 
_struct_keywords.entry_id        6M9J 
_struct_keywords.text            'amyloid, racemic, ice nucleation, MicroED, InaZ, pseudomonas syringae, PROTEIN FIBRIL' 
_struct_keywords.pdbx_keywords   'PROTEIN FIBRIL' 
# 
loop_
_struct_asym.id 
_struct_asym.pdbx_blank_PDB_chainid_flag 
_struct_asym.pdbx_modified 
_struct_asym.entity_id 
_struct_asym.details 
A N N 1 ? 
B N N 2 ? 
# 
_struct_ref.id                         1 
_struct_ref.db_name                    UNP 
_struct_ref.db_code                    ICEN_PSESY 
_struct_ref.pdbx_db_accession          P06620 
_struct_ref.pdbx_db_isoform            ? 
_struct_ref.entity_id                  1 
_struct_ref.pdbx_seq_one_letter_code   GSTSTA 
_struct_ref.pdbx_align_begin           707 
# 
_struct_ref_seq.align_id                      1 
_struct_ref_seq.ref_id                        1 
_struct_ref_seq.pdbx_PDB_id_code              6M9J 
_struct_ref_seq.pdbx_strand_id                A 
_struct_ref_seq.seq_align_beg                 1 
_struct_ref_seq.pdbx_seq_align_beg_ins_code   ? 
_struct_ref_seq.seq_align_end                 6 
_struct_ref_seq.pdbx_seq_align_end_ins_code   ? 
_struct_ref_seq.pdbx_db_accession             P06620 
_struct_ref_seq.db_align_beg                  707 
_struct_ref_seq.pdbx_db_align_beg_ins_code    ? 
_struct_ref_seq.db_align_end                  712 
_struct_ref_seq.pdbx_db_align_end_ins_code    ? 
_struct_ref_seq.pdbx_auth_seq_align_beg       707 
_struct_ref_seq.pdbx_auth_seq_align_end       712 
# 
_pdbx_struct_assembly.id                   1 
_pdbx_struct_assembly.details              author_defined_assembly 
_pdbx_struct_assembly.method_details       ? 
_pdbx_struct_assembly.oligomeric_details   monomeric 
_pdbx_struct_assembly.oligomeric_count     1 
# 
loop_
_pdbx_struct_assembly_prop.biol_id 
_pdbx_struct_assembly_prop.type 
_pdbx_struct_assembly_prop.value 
_pdbx_struct_assembly_prop.details 
1 'ABSA (A^2)' 0   ? 
1 MORE         0   ? 
1 'SSA (A^2)'  780 ? 
# 
_pdbx_struct_assembly_gen.assembly_id       1 
_pdbx_struct_assembly_gen.oper_expression   1 
_pdbx_struct_assembly_gen.asym_id_list      A,B 
# 
_pdbx_struct_assembly_auth_evidence.id                     1 
_pdbx_struct_assembly_auth_evidence.assembly_id            1 
_pdbx_struct_assembly_auth_evidence.experimental_support   none 
_pdbx_struct_assembly_auth_evidence.details                ? 
# 
_pdbx_struct_oper_list.id                   1 
_pdbx_struct_oper_list.type                 'identity operation' 
_pdbx_struct_oper_list.name                 1_555 
_pdbx_struct_oper_list.symmetry_operation   x,y,z 
_pdbx_struct_oper_list.matrix[1][1]         1.0000000000 
_pdbx_struct_oper_list.matrix[1][2]         0.0000000000 
_pdbx_struct_oper_list.matrix[1][3]         0.0000000000 
_pdbx_struct_oper_list.vector[1]            0.0000000000 
_pdbx_struct_oper_list.matrix[2][1]         0.0000000000 
_pdbx_struct_oper_list.matrix[2][2]         1.0000000000 
_pdbx_struct_oper_list.matrix[2][3]         0.0000000000 
_pdbx_struct_oper_list.vector[2]            0.0000000000 
_pdbx_struct_oper_list.matrix[3][1]         0.0000000000 
_pdbx_struct_oper_list.matrix[3][2]         0.0000000000 
_pdbx_struct_oper_list.matrix[3][3]         1.0000000000 
_pdbx_struct_oper_list.vector[3]            0.0000000000 
# 
_em_3d_fitting.entry_id          6M9J 
_em_3d_fitting.id                1 
_em_3d_fitting.details           ? 
_em_3d_fitting.overall_b_value   ? 
_em_3d_fitting.ref_protocol      'AB INITIO MODEL' 
_em_3d_fitting.ref_space         RECIPROCAL 
_em_3d_fitting.target_criteria   'maximum likelihood' 
_em_3d_fitting.method            ? 
# 
_em_3d_reconstruction.entry_id                    6M9J 
_em_3d_reconstruction.id                          1 
_em_3d_reconstruction.algorithm                   ? 
_em_3d_reconstruction.details                     ? 
_em_3d_reconstruction.refinement_type             ? 
_em_3d_reconstruction.image_processing_id         1 
_em_3d_reconstruction.num_class_averages          ? 
_em_3d_reconstruction.num_particles               ? 
_em_3d_reconstruction.resolution                  ? 
_em_3d_reconstruction.resolution_method           'DIFFRACTION PATTERN/LAYERLINES' 
_em_3d_reconstruction.symmetry_type               '3D CRYSTAL' 
_em_3d_reconstruction.method                      ? 
_em_3d_reconstruction.nominal_pixel_size          ? 
_em_3d_reconstruction.actual_pixel_size           ? 
_em_3d_reconstruction.magnification_calibration   ? 
# 
_em_buffer.id            1 
_em_buffer.details       ? 
_em_buffer.pH            8.0 
_em_buffer.specimen_id   1 
_em_buffer.name          ? 
# 
_em_entity_assembly.id                   1 
_em_entity_assembly.parent_id            0 
_em_entity_assembly.details              ? 
_em_entity_assembly.name                 'L-GSTSTA from ice nucleation protein, inaZ, and its enantiomer, D-GSTSTA' 
_em_entity_assembly.source               NATURAL 
_em_entity_assembly.type                 COMPLEX 
_em_entity_assembly.entity_id_list       1 
_em_entity_assembly.synonym              ? 
_em_entity_assembly.oligomeric_details   ? 
# 
_em_imaging.id                              1 
_em_imaging.entry_id                        6M9J 
_em_imaging.accelerating_voltage            200 
_em_imaging.alignment_procedure             ? 
_em_imaging.c2_aperture_diameter            ? 
_em_imaging.calibrated_defocus_max          ? 
_em_imaging.calibrated_defocus_min          ? 
_em_imaging.calibrated_magnification        ? 
_em_imaging.cryogen                         ? 
_em_imaging.details                         ? 
_em_imaging.electron_source                 'FIELD EMISSION GUN' 
_em_imaging.illumination_mode               'FLOOD BEAM' 
_em_imaging.microscope_model                'FEI TECNAI F20' 
_em_imaging.mode                            DIFFRACTION 
_em_imaging.nominal_cs                      ? 
_em_imaging.nominal_defocus_max             ? 
_em_imaging.nominal_defocus_min             ? 
_em_imaging.nominal_magnification           ? 
_em_imaging.recording_temperature_maximum   ? 
_em_imaging.recording_temperature_minimum   ? 
_em_imaging.residual_tilt                   ? 
_em_imaging.specimen_holder_model           ? 
_em_imaging.specimen_id                     1 
_em_imaging.citation_id                     ? 
_em_imaging.date                            ? 
_em_imaging.temperature                     ? 
_em_imaging.tilt_angle_min                  ? 
_em_imaging.tilt_angle_max                  ? 
_em_imaging.astigmatism                     ? 
_em_imaging.detector_distance               ? 
_em_imaging.electron_beam_tilt_params       ? 
_em_imaging.specimen_holder_type            ? 
# 
_em_sample_support.citation_id      ? 
_em_sample_support.details          unspecified 
_em_sample_support.film_material    ? 
_em_sample_support.grid_material    ? 
_em_sample_support.grid_mesh_size   ? 
_em_sample_support.grid_type        ? 
_em_sample_support.id               1 
_em_sample_support.method           ? 
_em_sample_support.specimen_id      1 
# 
_em_vitrification.id                    1 
_em_vitrification.specimen_id           1 
_em_vitrification.chamber_temperature   ? 
_em_vitrification.cryogen_name          ETHANE 
_em_vitrification.details               ? 
_em_vitrification.humidity              ? 
_em_vitrification.instrument            ? 
_em_vitrification.entry_id              6M9J 
_em_vitrification.citation_id           ? 
_em_vitrification.method                ? 
_em_vitrification.temp                  ? 
_em_vitrification.time_resolved_state   ? 
# 
_em_experiment.entry_id                6M9J 
_em_experiment.id                      1 
_em_experiment.aggregation_state       '3D ARRAY' 
_em_experiment.reconstruction_method   CRYSTALLOGRAPHY 
_em_experiment.entity_assembly_id      1 
# 
loop_
_chem_comp_atom.comp_id 
_chem_comp_atom.atom_id 
_chem_comp_atom.type_symbol 
_chem_comp_atom.pdbx_aromatic_flag 
_chem_comp_atom.pdbx_stereo_config 
_chem_comp_atom.pdbx_ordinal 
ALA N    N N N 1  
ALA CA   C N S 2  
ALA C    C N N 3  
ALA O    O N N 4  
ALA CB   C N N 5  
ALA OXT  O N N 6  
ALA H    H N N 7  
ALA H2   H N N 8  
ALA HA   H N N 9  
ALA HB1  H N N 10 
ALA HB2  H N N 11 
ALA HB3  H N N 12 
ALA HXT  H N N 13 
GLY N    N N N 14 
GLY CA   C N N 15 
GLY C    C N N 16 
GLY O    O N N 17 
GLY OXT  O N N 18 
GLY H    H N N 19 
GLY H2   H N N 20 
GLY HA2  H N N 21 
GLY HA3  H N N 22 
GLY HXT  H N N 23 
HOH O    O N N 24 
HOH H1   H N N 25 
HOH H2   H N N 26 
SER N    N N N 27 
SER CA   C N S 28 
SER C    C N N 29 
SER O    O N N 30 
SER CB   C N N 31 
SER OG   O N N 32 
SER OXT  O N N 33 
SER H    H N N 34 
SER H2   H N N 35 
SER HA   H N N 36 
SER HB2  H N N 37 
SER HB3  H N N 38 
SER HG   H N N 39 
SER HXT  H N N 40 
THR N    N N N 41 
THR CA   C N S 42 
THR C    C N N 43 
THR O    O N N 44 
THR CB   C N R 45 
THR OG1  O N N 46 
THR CG2  C N N 47 
THR OXT  O N N 48 
THR H    H N N 49 
THR H2   H N N 50 
THR HA   H N N 51 
THR HB   H N N 52 
THR HG1  H N N 53 
THR HG21 H N N 54 
THR HG22 H N N 55 
THR HG23 H N N 56 
THR HXT  H N N 57 
# 
loop_
_chem_comp_bond.comp_id 
_chem_comp_bond.atom_id_1 
_chem_comp_bond.atom_id_2 
_chem_comp_bond.value_order 
_chem_comp_bond.pdbx_aromatic_flag 
_chem_comp_bond.pdbx_stereo_config 
_chem_comp_bond.pdbx_ordinal 
ALA N   CA   sing N N 1  
ALA N   H    sing N N 2  
ALA N   H2   sing N N 3  
ALA CA  C    sing N N 4  
ALA CA  CB   sing N N 5  
ALA CA  HA   sing N N 6  
ALA C   O    doub N N 7  
ALA C   OXT  sing N N 8  
ALA CB  HB1  sing N N 9  
ALA CB  HB2  sing N N 10 
ALA CB  HB3  sing N N 11 
ALA OXT HXT  sing N N 12 
GLY N   CA   sing N N 13 
GLY N   H    sing N N 14 
GLY N   H2   sing N N 15 
GLY CA  C    sing N N 16 
GLY CA  HA2  sing N N 17 
GLY CA  HA3  sing N N 18 
GLY C   O    doub N N 19 
GLY C   OXT  sing N N 20 
GLY OXT HXT  sing N N 21 
HOH O   H1   sing N N 22 
HOH O   H2   sing N N 23 
SER N   CA   sing N N 24 
SER N   H    sing N N 25 
SER N   H2   sing N N 26 
SER CA  C    sing N N 27 
SER CA  CB   sing N N 28 
SER CA  HA   sing N N 29 
SER C   O    doub N N 30 
SER C   OXT  sing N N 31 
SER CB  OG   sing N N 32 
SER CB  HB2  sing N N 33 
SER CB  HB3  sing N N 34 
SER OG  HG   sing N N 35 
SER OXT HXT  sing N N 36 
THR N   CA   sing N N 37 
THR N   H    sing N N 38 
THR N   H2   sing N N 39 
THR CA  C    sing N N 40 
THR CA  CB   sing N N 41 
THR CA  HA   sing N N 42 
THR C   O    doub N N 43 
THR C   OXT  sing N N 44 
THR CB  OG1  sing N N 45 
THR CB  CG2  sing N N 46 
THR CB  HB   sing N N 47 
THR OG1 HG1  sing N N 48 
THR CG2 HG21 sing N N 49 
THR CG2 HG22 sing N N 50 
THR CG2 HG23 sing N N 51 
THR OXT HXT  sing N N 52 
# 
_em_3d_crystal_entity.id                    1 
_em_3d_crystal_entity.image_processing_id   1 
_em_3d_crystal_entity.angle_alpha           90 
_em_3d_crystal_entity.angle_beta            104.5 
_em_3d_crystal_entity.angle_gamma           90.0 
_em_3d_crystal_entity.length_a              14.03 
_em_3d_crystal_entity.length_b              9.22 
_em_3d_crystal_entity.length_c              20.77 
_em_3d_crystal_entity.space_group_name      'P 1 21/c 1' 
_em_3d_crystal_entity.space_group_num       14 
# 
_em_crystal_formation.id                    1 
_em_crystal_formation.specimen_id           1 
_em_crystal_formation.atmosphere            ? 
_em_crystal_formation.details               '0.1 M imidazole, pH 8.0, 10% w/v PEG8000' 
_em_crystal_formation.instrument            ? 
_em_crystal_formation.lipid_mixture         ? 
_em_crystal_formation.lipid_protein_ratio   ? 
_em_crystal_formation.temperature           298 
_em_crystal_formation.time                  ? 
_em_crystal_formation.time_unit             ? 
# 
_em_ctf_correction.id                       1 
_em_ctf_correction.em_image_processing_id   1 
_em_ctf_correction.type                     NONE 
_em_ctf_correction.details                  ? 
# 
_em_diffraction.id                1 
_em_diffraction.camera_length     1156 
_em_diffraction.imaging_id        1 
_em_diffraction.tilt_angle_list   ? 
# 
_em_diffraction_shell.id                        1 
_em_diffraction_shell.em_diffraction_stats_id   1 
_em_diffraction_shell.fourier_space_coverage    77.4 
_em_diffraction_shell.high_resolution           7.63 
_em_diffraction_shell.low_resolution            0.9 
_em_diffraction_shell.multiplicity              3.4 
_em_diffraction_shell.num_structure_factors     2896 
_em_diffraction_shell.phase_residual            0.00000001 
# 
_em_diffraction_stats.id                               1 
_em_diffraction_stats.details                          ? 
_em_diffraction_stats.image_processing_id              1 
_em_diffraction_stats.fourier_space_coverage           77.4 
_em_diffraction_stats.high_resolution                  0.9 
_em_diffraction_stats.num_intensities_measured         9884 
_em_diffraction_stats.num_structure_factors            2906 
_em_diffraction_stats.overall_phase_error              13.92 
_em_diffraction_stats.overall_phase_residual           0.00000001 
_em_diffraction_stats.phase_error_rejection_criteria   'not applicable' 
_em_diffraction_stats.r_merge                          0.128 
_em_diffraction_stats.r_sym                            0.128 
# 
_em_entity_assembly_naturalsource.cellular_location    ? 
_em_entity_assembly_naturalsource.entity_assembly_id   1 
_em_entity_assembly_naturalsource.id                   1 
_em_entity_assembly_naturalsource.ncbi_tax_id          321 
_em_entity_assembly_naturalsource.organ                ? 
_em_entity_assembly_naturalsource.organelle            ? 
_em_entity_assembly_naturalsource.organism             'Pseudomonas syringae pv. syringae' 
_em_entity_assembly_naturalsource.strain               ? 
_em_entity_assembly_naturalsource.tissue               ? 
_em_entity_assembly_naturalsource.cell                 ? 
# 
_em_image_processing.id                   1 
_em_image_processing.image_recording_id   1 
_em_image_processing.details              ? 
# 
_em_image_recording.id                            1 
_em_image_recording.imaging_id                    1 
_em_image_recording.avg_electron_dose_per_image   0.01 
_em_image_recording.average_exposure_time         ? 
_em_image_recording.details                       ? 
_em_image_recording.detector_mode                 ? 
_em_image_recording.film_or_detector_model        'TVIPS TEMCAM-F416 (4k x 4k)' 
_em_image_recording.num_diffraction_images        ? 
_em_image_recording.num_grids_imaged              ? 
_em_image_recording.num_real_images               ? 
# 
_em_imaging_optics.id                         1 
_em_imaging_optics.imaging_id                 1 
_em_imaging_optics.chr_aberration_corrector   ? 
_em_imaging_optics.energyfilter_lower         ? 
_em_imaging_optics.energyfilter_name          ? 
_em_imaging_optics.energyfilter_upper         ? 
_em_imaging_optics.energyfilter_slit_width    ? 
_em_imaging_optics.phase_plate                ? 
_em_imaging_optics.sph_aberration_corrector   ? 
# 
loop_
_em_software.id 
_em_software.category 
_em_software.details 
_em_software.name 
_em_software.version 
_em_software.image_processing_id 
_em_software.fitting_id 
_em_software.imaging_id 
1  'IMAGE ACQUISITION'             ? ?      ?         ? ? 1 
2  MASKING                         ? ?      ?         ? ? ? 
3  'CTF CORRECTION'                ? ?      ?         1 ? ? 
4  'LAYERLINE INDEXING'            ? ?      ?         ? ? ? 
5  'DIFFRACTION INDEXING'          ? ?      ?         ? ? ? 
6  'MODEL FITTING'                 ? Coot   0.8.9.1   ? 1 ? 
7  OTHER                           ? ?      ?         ? ? ? 
8  'MOLECULAR REPLACEMENT'         ? ?      ?         1 ? ? 
9  'LATTICE DISTORTION CORRECTION' ? ?      ?         1 ? ? 
10 'SYMMETRY DETERMINATION'        ? ?      ?         1 ? ? 
11 'CRYSTALLOGRAPHY MERGING'       ? XSCALE ?         1 ? ? 
12 RECONSTRUCTION                  ? SHELXD ?         1 ? ? 
13 'MODEL REFINEMENT'              ? PHENIX 1.12_2829 ? 1 ? 
# 
_em_specimen.id                      1 
_em_specimen.experiment_id           1 
_em_specimen.concentration           ? 
_em_specimen.details                 ? 
_em_specimen.embedding_applied       NO 
_em_specimen.shadowing_applied       NO 
_em_specimen.staining_applied        NO 
_em_specimen.vitrification_applied   YES 
# 
loop_
_pdbx_audit_support.funding_organization 
_pdbx_audit_support.country 
_pdbx_audit_support.grant_number 
_pdbx_audit_support.ordinal 
'Department of Energy (DOE, United States)'                                                'United States' DE-FC02-02ER63421 1 
'National Institutes of Health/National Institute of General Medical Sciences (NIH/NIGMS)' 'United States' 'P41 GM103403'    2 
# 
_atom_sites.entry_id                    6M9J 
_atom_sites.fract_transf_matrix[1][1]   0.06272665 
_atom_sites.fract_transf_matrix[1][2]   -0.01953639 
_atom_sites.fract_transf_matrix[1][3]   -0.03321094 
_atom_sites.fract_transf_matrix[2][1]   -0.01225466 
_atom_sites.fract_transf_matrix[2][2]   -0.10139581 
_atom_sites.fract_transf_matrix[2][3]   0.03650046 
_atom_sites.fract_transf_matrix[3][1]   -0.01400856 
_atom_sites.fract_transf_matrix[3][2]   -0.01465269 
_atom_sites.fract_transf_matrix[3][3]   -0.04540742 
_atom_sites.fract_transf_vector[1]      0.974916 
_atom_sites.fract_transf_vector[2]      0.846223 
_atom_sites.fract_transf_vector[3]      0.235084 
# 
loop_
_atom_type.symbol 
C 
H 
N 
O 
# 
loop_
_atom_site.group_PDB 
_atom_site.id 
_atom_site.type_symbol 
_atom_site.label_atom_id 
_atom_site.label_alt_id 
_atom_site.label_comp_id 
_atom_site.label_asym_id 
_atom_site.label_entity_id 
_atom_site.label_seq_id 
_atom_site.pdbx_PDB_ins_code 
_atom_site.Cartn_x 
_atom_site.Cartn_y 
_atom_site.Cartn_z 
_atom_site.occupancy 
_atom_site.B_iso_or_equiv 
_atom_site.pdbx_formal_charge 
_atom_site.auth_seq_id 
_atom_site.auth_comp_id 
_atom_site.auth_asym_id 
_atom_site.auth_atom_id 
_atom_site.pdbx_PDB_model_num 
ATOM   1  N N    . GLY A 1 1 ? 2.420  -3.253 -9.169 1.00 3.13  ? 707 GLY A N    1 
ATOM   2  C CA   . GLY A 1 1 ? 2.533  -3.432 -7.734 1.00 1.75  ? 707 GLY A CA   1 
ATOM   3  C C    . GLY A 1 1 ? 1.764  -2.363 -7.005 1.00 1.19  ? 707 GLY A C    1 
ATOM   4  O O    . GLY A 1 1 ? 1.472  -1.311 -7.569 1.00 1.85  ? 707 GLY A O    1 
ATOM   5  H HA2  . GLY A 1 1 ? 2.180  -4.299 -7.482 1.00 2.10  ? 707 GLY A HA2  1 
ATOM   6  H HA3  . GLY A 1 1 ? 3.464  -3.384 -7.468 1.00 2.10  ? 707 GLY A HA3  1 
ATOM   7  N N    . SER A 1 2 ? 1.417  -2.628 -5.752 1.00 1.29  ? 708 SER A N    1 
ATOM   8  C CA   . SER A 1 2 ? 0.730  -1.631 -4.945 1.00 1.31  ? 708 SER A CA   1 
ATOM   9  C C    . SER A 1 2 ? 1.100  -1.813 -3.483 1.00 1.55  ? 708 SER A C    1 
ATOM   10 O O    . SER A 1 2 ? 1.442  -2.914 -3.034 1.00 2.02  ? 708 SER A O    1 
ATOM   11 C CB   . SER A 1 2 ? -0.794 -1.707 -5.115 1.00 2.57  ? 708 SER A CB   1 
ATOM   12 O OG   . SER A 1 2 ? -1.328 -2.862 -4.500 1.00 3.67  ? 708 SER A OG   1 
ATOM   13 H H    . SER A 1 2 ? 1.568  -3.372 -5.347 1.00 1.55  ? 708 SER A H    1 
ATOM   14 H HA   . SER A 1 2 ? 1.019  -0.747 -5.221 1.00 1.58  ? 708 SER A HA   1 
ATOM   15 H HB2  . SER A 1 2 ? -1.194 -0.922 -4.710 1.00 3.09  ? 708 SER A HB2  1 
ATOM   16 H HB3  . SER A 1 2 ? -1.003 -1.732 -6.062 1.00 3.09  ? 708 SER A HB3  1 
ATOM   17 H HG   . SER A 1 2 ? -1.157 -2.854 -3.678 1.00 4.41  ? 708 SER A HG   1 
ATOM   18 N N    . THR A 1 3 ? 0.997  -0.722 -2.736 1.00 1.48  ? 709 THR A N    1 
ATOM   19 C CA   . THR A 1 3 ? 1.230  -0.739 -1.301 1.00 1.16  ? 709 THR A CA   1 
ATOM   20 C C    . THR A 1 3 ? 0.359  0.303  -0.649 1.00 1.16  ? 709 THR A C    1 
ATOM   21 O O    . THR A 1 3 ? 0.125  1.361  -1.229 1.00 1.75  ? 709 THR A O    1 
ATOM   22 C CB   . THR A 1 3 ? 2.676  -0.406 -0.973 1.00 3.14  ? 709 THR A CB   1 
ATOM   23 O OG1  . THR A 1 3 ? 3.515  -1.312 -1.681 1.00 5.42  ? 709 THR A OG1  1 
ATOM   24 C CG2  . THR A 1 3 ? 2.949  -0.502 0.502  1.00 5.25  ? 709 THR A CG2  1 
ATOM   25 H H    . THR A 1 3 ? 0.789  0.054  -3.044 1.00 1.77  ? 709 THR A H    1 
ATOM   26 H HA   . THR A 1 3 ? 1.013  -1.610 -0.937 1.00 1.39  ? 709 THR A HA   1 
ATOM   27 H HB   . THR A 1 3 ? 2.869  0.499  -1.260 1.00 3.77  ? 709 THR A HB   1 
ATOM   28 H HG1  . THR A 1 3 ? 4.322  -1.147 -1.515 1.00 6.51  ? 709 THR A HG1  1 
ATOM   29 H HG21 . THR A 1 3 ? 3.878  -0.286 0.683  1.00 6.30  ? 709 THR A HG21 1 
ATOM   30 H HG22 . THR A 1 3 ? 2.381  0.119  0.986  1.00 6.30  ? 709 THR A HG22 1 
ATOM   31 H HG23 . THR A 1 3 ? 2.769  -1.403 0.814  1.00 6.30  ? 709 THR A HG23 1 
ATOM   32 N N    . SER A 1 4 ? -0.135 -0.006 0.547  1.00 1.33  ? 710 SER A N    1 
ATOM   33 C CA   . SER A 1 4 ? -0.840 0.995  1.316  1.00 1.60  ? 710 SER A CA   1 
ATOM   34 C C    . SER A 1 4 ? -0.641 0.726  2.800  1.00 1.84  ? 710 SER A C    1 
ATOM   35 O O    . SER A 1 4 ? -0.463 -0.423 3.214  1.00 1.92  ? 710 SER A O    1 
ATOM   36 C CB   . SER A 1 4 ? -2.325 1.051  0.955  1.00 2.86  ? 710 SER A CB   1 
ATOM   37 O OG   . SER A 1 4 ? -2.912 2.153  1.597  1.00 5.33  ? 710 SER A OG   1 
ATOM   38 H H    . SER A 1 4 ? -0.074 -0.776 0.924  1.00 1.60  ? 710 SER A H    1 
ATOM   39 H HA   . SER A 1 4 ? -0.456 1.864  1.120  1.00 1.93  ? 710 SER A HA   1 
ATOM   40 H HB2  . SER A 1 4 ? -2.419 1.150  -0.005 1.00 3.43  ? 710 SER A HB2  1 
ATOM   41 H HB3  . SER A 1 4 ? -2.759 0.236  1.254  1.00 3.43  ? 710 SER A HB3  1 
ATOM   42 H HG   . SER A 1 4 ? -3.728 2.196  1.407  1.00 6.40  ? 710 SER A HG   1 
ATOM   43 N N    . THR A 1 5 ? -0.638 1.807  3.589  1.00 1.36  ? 711 THR A N    1 
ATOM   44 C CA   . THR A 1 5 ? -0.623 1.719  5.039  1.00 0.70  ? 711 THR A CA   1 
ATOM   45 C C    . THR A 1 5 ? -1.692 2.630  5.606  1.00 1.07  ? 711 THR A C    1 
ATOM   46 O O    . THR A 1 5 ? -2.086 3.618  4.988  1.00 1.63  ? 711 THR A O    1 
ATOM   47 C CB   . THR A 1 5 ? 0.720  2.110  5.680  1.00 2.11  ? 711 THR A CB   1 
ATOM   48 O OG1  . THR A 1 5 ? 0.981  3.505  5.454  1.00 3.58  ? 711 THR A OG1  1 
ATOM   49 C CG2  . THR A 1 5 ? 1.836  1.268  5.142  1.00 2.49  ? 711 THR A CG2  1 
ATOM   50 H H    . THR A 1 5 ? -0.644 2.613  3.293  1.00 1.63  ? 711 THR A H    1 
ATOM   51 H HA   . THR A 1 5 ? -0.829 0.810  5.304  1.00 0.85  ? 711 THR A HA   1 
ATOM   52 H HB   . THR A 1 5 ? 0.666  1.954  6.637  1.00 2.53  ? 711 THR A HB   1 
ATOM   53 H HG1  . THR A 1 5 ? 1.715  3.721  5.803  1.00 4.30  ? 711 THR A HG1  1 
ATOM   54 H HG21 . THR A 1 5 ? 2.675  1.526  5.556  1.00 2.99  ? 711 THR A HG21 1 
ATOM   55 H HG22 . THR A 1 5 ? 1.666  0.332  5.332  1.00 2.99  ? 711 THR A HG22 1 
ATOM   56 H HG23 . THR A 1 5 ? 1.908  1.387  4.182  1.00 2.99  ? 711 THR A HG23 1 
ATOM   57 N N    . ALA A 1 6 ? -2.133 2.280  6.817  1.00 1.30  ? 712 ALA A N    1 
ATOM   58 C CA   . ALA A 1 6 ? -3.031 3.088  7.626  1.00 1.96  ? 712 ALA A CA   1 
ATOM   59 C C    . ALA A 1 6 ? -2.613 2.993  9.082  1.00 2.70  ? 712 ALA A C    1 
ATOM   60 O O    . ALA A 1 6 ? -2.048 1.974  9.487  1.00 4.52  ? 712 ALA A O    1 
ATOM   61 C CB   . ALA A 1 6 ? -4.483 2.611  7.488  1.00 2.97  ? 712 ALA A CB   1 
ATOM   62 O OXT  . ALA A 1 6 ? -2.853 3.899  9.888  1.00 5.34  ? 712 ALA A OXT  1 
ATOM   63 H H    . ALA A 1 6 ? -1.910 1.544  7.201  1.00 1.56  ? 712 ALA A H    1 
ATOM   64 H HA   . ALA A 1 6 ? -2.979 4.015  7.346  1.00 2.35  ? 712 ALA A HA   1 
ATOM   65 H HB1  . ALA A 1 6 ? -5.052 3.170  8.040  1.00 3.56  ? 712 ALA A HB1  1 
ATOM   66 H HB2  . ALA A 1 6 ? -4.750 2.680  6.559  1.00 3.56  ? 712 ALA A HB2  1 
ATOM   67 H HB3  . ALA A 1 6 ? -4.540 1.688  7.782  1.00 3.56  ? 712 ALA A HB3  1 
HETATM 68 O O    . HOH B 2 . ? -4.368 3.202  -0.438 1.00 27.35 ? 801 HOH A O    1 
HETATM 69 O O    . HOH B 2 . ? -2.333 -1.904 -2.110 1.00 25.39 ? 802 HOH A O    1 
HETATM 70 O O    . HOH B 2 . ? -5.612 0.426  -0.242 1.00 9.68  ? 803 HOH A O    1 
# 
loop_
_atom_site_anisotrop.id 
_atom_site_anisotrop.type_symbol 
_atom_site_anisotrop.pdbx_label_atom_id 
_atom_site_anisotrop.pdbx_label_alt_id 
_atom_site_anisotrop.pdbx_label_comp_id 
_atom_site_anisotrop.pdbx_label_asym_id 
_atom_site_anisotrop.pdbx_label_seq_id 
_atom_site_anisotrop.pdbx_PDB_ins_code 
_atom_site_anisotrop.U[1][1] 
_atom_site_anisotrop.U[2][2] 
_atom_site_anisotrop.U[3][3] 
_atom_site_anisotrop.U[1][2] 
_atom_site_anisotrop.U[1][3] 
_atom_site_anisotrop.U[2][3] 
_atom_site_anisotrop.pdbx_auth_seq_id 
_atom_site_anisotrop.pdbx_auth_comp_id 
_atom_site_anisotrop.pdbx_auth_asym_id 
_atom_site_anisotrop.pdbx_auth_atom_id 
1  N N   . GLY A 1 ? 0.0222 0.0561 0.0407 -0.0008 -0.0133 -0.0070 707 GLY A N   
2  C CA  . GLY A 1 ? 0.0127 0.0364 0.0173 0.0036  -0.0050 -0.0011 707 GLY A CA  
3  C C   . GLY A 1 ? 0.0128 0.0228 0.0098 -0.0002 0.0029  0.0005  707 GLY A C   
4  O O   . GLY A 1 ? 0.0158 0.0319 0.0225 -0.0065 -0.0084 -0.0002 707 GLY A O   
7  N N   . SER A 2 ? 0.0221 0.0137 0.0132 -0.0054 0.0085  -0.0047 708 SER A N   
8  C CA  . SER A 2 ? 0.0223 0.0116 0.0161 -0.0085 -0.0019 0.0003  708 SER A CA  
9  C C   . SER A 2 ? 0.0352 0.0103 0.0132 -0.0026 0.0030  -0.0024 708 SER A C   
10 O O   . SER A 2 ? 0.0471 0.0128 0.0169 -0.0004 0.0117  -0.0001 708 SER A O   
11 C CB  . SER A 2 ? 0.0225 0.0361 0.0392 0.0087  -0.0126 -0.0115 708 SER A CB  
12 O OG  . SER A 2 ? 0.0213 0.0696 0.0486 -0.0121 0.0033  -0.0001 708 SER A OG  
18 N N   . THR A 3 ? 0.0300 0.0131 0.0129 -0.0091 0.0063  -0.0032 709 THR A N   
19 C CA  . THR A 3 ? 0.0184 0.0081 0.0175 -0.0023 0.0097  -0.0031 709 THR A CA  
20 C C   . THR A 3 ? 0.0252 0.0074 0.0114 -0.0005 0.0082  0.0001  709 THR A C   
21 O O   . THR A 3 ? 0.0324 0.0184 0.0158 0.0041  0.0071  0.0067  709 THR A O   
22 C CB  . THR A 3 ? 0.0159 0.0477 0.0558 0.0008  0.0024  -0.0103 709 THR A CB  
23 O OG1 . THR A 3 ? 0.0248 0.0935 0.0877 -0.0035 -0.0047 -0.0059 709 THR A OG1 
24 C CG2 . THR A 3 ? 0.0277 0.0896 0.0822 -0.0093 -0.0143 0.0005  709 THR A CG2 
32 N N   . SER A 4 ? 0.0327 0.0088 0.0091 0.0029  0.0041  0.0005  710 SER A N   
33 C CA  . SER A 4 ? 0.0370 0.0108 0.0133 -0.0029 0.0093  -0.0010 710 SER A CA  
34 C C   . SER A 4 ? 0.0439 0.0123 0.0135 -0.0044 0.0076  -0.0009 710 SER A C   
35 O O   . SER A 4 ? 0.0451 0.0155 0.0123 -0.0033 0.0048  -0.0012 710 SER A O   
36 C CB  . SER A 4 ? 0.0193 0.0409 0.0484 -0.0072 0.0112  -0.0091 710 SER A CB  
37 O OG  . SER A 4 ? 0.0246 0.0893 0.0887 0.0061  0.0046  -0.0055 710 SER A OG  
43 N N   . THR A 5 ? 0.0313 0.0099 0.0105 -0.0006 0.0055  -0.0015 711 THR A N   
44 C CA  . THR A 5 ? 0.0078 0.0115 0.0076 -0.0004 0.0002  0.0051  711 THR A CA  
45 C C   . THR A 5 ? 0.0168 0.0116 0.0125 0.0000  0.0015  -0.0045 711 THR A C   
46 O O   . THR A 5 ? 0.0124 0.0309 0.0186 0.0055  -0.0027 0.0005  711 THR A O   
47 C CB  . THR A 5 ? 0.0103 0.0401 0.0297 0.0008  -0.0018 -0.0009 711 THR A CB  
48 O OG1 . THR A 5 ? 0.0235 0.0463 0.0662 -0.0040 -0.0154 -0.0024 711 THR A OG1 
49 C CG2 . THR A 5 ? 0.0117 0.0458 0.0372 -0.0024 0.0000  0.0006  711 THR A CG2 
57 N N   . ALA A 6 ? 0.0184 0.0157 0.0154 -0.0024 0.0057  -0.0051 712 ALA A N   
58 C CA  . ALA A 6 ? 0.0106 0.0296 0.0342 -0.0055 0.0012  -0.0033 712 ALA A CA  
59 C C   . ALA A 6 ? 0.0258 0.0465 0.0305 0.0042  -0.0144 -0.0075 712 ALA A C   
60 O O   . ALA A 6 ? 0.0501 0.0744 0.0474 -0.0001 -0.0287 0.0046  712 ALA A O   
61 C CB  . ALA A 6 ? 0.0160 0.0435 0.0532 0.0002  -0.0093 0.0004  712 ALA A CB  
62 O OXT . ALA A 6 ? 0.0430 0.0965 0.0633 0.0237  -0.0185 -0.0293 712 ALA A OXT 
68 O O   . HOH B . ? 0.3292 0.4104 0.2999 -0.0467 0.0547  -0.1026 801 HOH A O   
69 O O   . HOH B . ? 0.3091 0.3884 0.2672 -0.1394 0.1054  0.0337  802 HOH A O   
70 O O   . HOH B . ? 0.1222 0.1611 0.0846 -0.0024 -0.0534 0.0228  803 HOH A O   
# 
